data_8VYY
#
_entry.id   8VYY
#
_cell.length_a   196.119
_cell.length_b   196.119
_cell.length_c   113.060
_cell.angle_alpha   90.000
_cell.angle_beta   90.000
_cell.angle_gamma   90.000
#
_symmetry.space_group_name_H-M   'I 4 2 2'
#
loop_
_entity.id
_entity.type
_entity.pdbx_description
1 polymer 'Tryptophan 2,3-dioxygenase'
2 non-polymer 'PROTOPORPHYRIN IX CONTAINING FE'
3 non-polymer (betaS)-beta-methyl-L-tryptophan
4 water water
#
_entity_poly.entity_id   1
_entity_poly.type   'polypeptide(L)'
_entity_poly.pdbx_seq_one_letter_code
;GHMKRSLNPDEPNALLSYDFDRGSNYENVLHLTDALGALVPESETEHPDQRFFQVTHLITEYAWVQVHYELRRAIGHLDE
DRYHQAVRMFDRATGLSEVTVQAVRLLTDHLPQHSLLMMRNALPEDATGLDSPGYRNLRRVARPVWKAYEQAVERAGLSL
QDVIAQQDDGYDGPRSGGSQSLALVREAMLRLDGSVLGWKQHHLIMVWSQLGGQPGLRKGNEEGDDGLELPQSLGGRSLA
TLEARSQLALFPELWRAAEDAYWLLGTRHDT
;
_entity_poly.pdbx_strand_id   A,B
#
loop_
_chem_comp.id
_chem_comp.type
_chem_comp.name
_chem_comp.formula
78U non-polymer (betaS)-beta-methyl-L-tryptophan 'C12 H14 N2 O2'
HEM non-polymer 'PROTOPORPHYRIN IX CONTAINING FE' 'C34 H32 Fe N4 O4'
#
# COMPACT_ATOMS: atom_id res chain seq x y z
N SER A 6 -13.17 14.25 -20.53
CA SER A 6 -12.08 13.80 -19.66
C SER A 6 -11.42 14.98 -18.92
N LEU A 7 -11.47 14.97 -17.58
CA LEU A 7 -10.84 15.97 -16.72
C LEU A 7 -9.31 15.90 -16.80
N ASN A 8 -8.61 16.56 -15.86
CA ASN A 8 -7.14 16.63 -15.92
C ASN A 8 -6.51 17.13 -14.63
N PRO A 9 -5.72 16.31 -13.90
CA PRO A 9 -4.97 16.84 -12.76
C PRO A 9 -3.78 17.75 -13.09
N ASP A 10 -3.57 18.12 -14.36
CA ASP A 10 -2.56 19.13 -14.70
C ASP A 10 -2.90 19.79 -16.04
N GLU A 11 -2.53 21.08 -16.20
CA GLU A 11 -3.04 21.85 -17.34
C GLU A 11 -1.99 22.16 -18.42
N PRO A 12 -0.97 23.02 -18.16
CA PRO A 12 -0.10 23.43 -19.26
C PRO A 12 1.08 22.48 -19.47
N ASN A 13 0.96 21.52 -20.39
CA ASN A 13 1.97 20.47 -20.50
C ASN A 13 2.23 20.10 -21.95
N ALA A 14 3.15 19.14 -22.13
CA ALA A 14 3.51 18.55 -23.41
C ALA A 14 2.63 17.37 -23.75
N LEU A 15 1.37 17.41 -23.29
CA LEU A 15 0.27 16.62 -23.83
C LEU A 15 0.37 15.13 -23.51
N LEU A 16 1.52 14.51 -23.80
CA LEU A 16 1.80 13.15 -23.35
C LEU A 16 2.12 13.08 -21.86
N SER A 17 2.10 14.21 -21.16
CA SER A 17 2.37 14.26 -19.73
C SER A 17 1.11 14.63 -18.93
N TYR A 18 -0.07 14.38 -19.51
CA TYR A 18 -1.38 14.61 -18.91
C TYR A 18 -1.85 13.38 -18.11
N ASP A 19 -2.85 13.61 -17.23
CA ASP A 19 -3.60 12.59 -16.48
C ASP A 19 -5.09 12.82 -16.72
N PHE A 20 -5.92 11.77 -16.90
CA PHE A 20 -7.30 11.91 -17.38
C PHE A 20 -8.35 11.19 -16.51
N ASP A 21 -9.61 11.69 -16.49
CA ASP A 21 -10.74 11.14 -15.68
C ASP A 21 -12.06 11.20 -16.47
N ARG A 22 -12.60 10.04 -16.96
CA ARG A 22 -13.44 10.10 -18.17
C ARG A 22 -14.61 9.09 -18.27
N GLY A 23 -15.27 8.72 -17.17
CA GLY A 23 -16.62 8.17 -17.25
C GLY A 23 -16.82 6.70 -17.65
N SER A 24 -15.77 5.88 -17.66
CA SER A 24 -15.94 4.45 -17.96
C SER A 24 -16.63 3.73 -16.81
N ASN A 25 -17.03 2.48 -17.05
CA ASN A 25 -17.67 1.71 -15.98
C ASN A 25 -16.67 1.31 -14.89
N TYR A 26 -15.42 1.05 -15.28
CA TYR A 26 -14.36 0.83 -14.31
C TYR A 26 -14.30 1.98 -13.30
N GLU A 27 -14.33 3.23 -13.80
CA GLU A 27 -14.31 4.39 -12.91
C GLU A 27 -15.61 4.56 -12.13
N ASN A 28 -16.76 4.28 -12.77
CA ASN A 28 -18.06 4.42 -12.10
C ASN A 28 -18.18 3.48 -10.91
N VAL A 29 -17.84 2.21 -11.12
CA VAL A 29 -17.97 1.21 -10.05
C VAL A 29 -17.08 1.56 -8.87
N LEU A 30 -15.91 2.15 -9.12
CA LEU A 30 -14.96 2.39 -8.05
C LEU A 30 -15.13 3.76 -7.38
N HIS A 31 -15.96 4.65 -7.93
CA HIS A 31 -16.03 6.06 -7.51
C HIS A 31 -14.66 6.72 -7.63
N LEU A 32 -13.90 6.33 -8.65
CA LEU A 32 -12.51 6.73 -8.76
C LEU A 32 -12.38 8.24 -8.92
N THR A 33 -13.28 8.86 -9.67
CA THR A 33 -13.17 10.29 -9.92
C THR A 33 -13.36 11.08 -8.63
N ASP A 34 -14.27 10.63 -7.76
CA ASP A 34 -14.38 11.22 -6.43
C ASP A 34 -13.06 11.10 -5.68
N ALA A 35 -12.46 9.90 -5.70
CA ALA A 35 -11.26 9.67 -4.89
C ALA A 35 -10.09 10.51 -5.38
N LEU A 36 -9.90 10.61 -6.70
CA LEU A 36 -8.83 11.44 -7.22
C LEU A 36 -9.08 12.91 -6.99
N GLY A 37 -10.35 13.31 -6.84
CA GLY A 37 -10.69 14.68 -6.53
C GLY A 37 -10.09 15.19 -5.23
N ALA A 38 -9.77 14.30 -4.30
CA ALA A 38 -9.18 14.69 -3.04
C ALA A 38 -7.71 15.11 -3.14
N LEU A 39 -7.04 14.79 -4.25
CA LEU A 39 -5.65 15.18 -4.37
C LEU A 39 -5.54 16.70 -4.41
N VAL A 40 -4.53 17.23 -3.75
CA VAL A 40 -4.33 18.70 -3.76
C VAL A 40 -4.07 19.14 -5.19
N PRO A 41 -4.80 20.13 -5.71
CA PRO A 41 -4.58 20.58 -7.09
C PRO A 41 -3.15 21.09 -7.28
N GLU A 42 -2.58 20.82 -8.46
CA GLU A 42 -1.20 21.24 -8.72
C GLU A 42 -1.06 22.75 -8.69
N SER A 43 -2.11 23.47 -9.07
CA SER A 43 -2.13 24.92 -8.95
C SER A 43 -1.95 25.42 -7.51
N GLU A 44 -2.00 24.53 -6.52
CA GLU A 44 -2.06 24.93 -5.11
C GLU A 44 -1.00 24.29 -4.23
N THR A 45 0.02 23.65 -4.81
CA THR A 45 1.01 22.93 -4.02
C THR A 45 2.11 23.88 -3.56
N GLU A 46 2.41 23.86 -2.25
CA GLU A 46 3.48 24.69 -1.73
C GLU A 46 4.85 24.18 -2.18
N HIS A 47 4.99 22.86 -2.31
CA HIS A 47 6.26 22.18 -2.45
C HIS A 47 6.05 20.98 -3.35
N PRO A 48 7.04 20.62 -4.19
CA PRO A 48 6.86 19.45 -5.06
C PRO A 48 6.70 18.13 -4.30
N ASP A 49 7.16 18.03 -3.05
CA ASP A 49 7.02 16.80 -2.27
C ASP A 49 5.70 16.74 -1.51
N GLN A 50 4.77 17.66 -1.77
CA GLN A 50 3.52 17.71 -1.02
C GLN A 50 2.55 16.59 -1.42
N ARG A 51 2.42 16.36 -2.73
CA ARG A 51 1.61 15.26 -3.25
C ARG A 51 2.02 13.92 -2.62
N PHE A 52 3.32 13.63 -2.62
CA PHE A 52 3.84 12.41 -2.04
C PHE A 52 3.42 12.29 -0.58
N PHE A 53 3.60 13.39 0.16
CA PHE A 53 3.20 13.44 1.56
C PHE A 53 1.73 13.09 1.72
N GLN A 54 0.86 13.72 0.91
CA GLN A 54 -0.57 13.49 1.03
C GLN A 54 -0.93 12.05 0.69
N VAL A 55 -0.39 11.53 -0.43
CA VAL A 55 -0.81 10.22 -0.92
C VAL A 55 -0.45 9.09 0.04
N THR A 56 0.69 9.18 0.73
CA THR A 56 1.01 8.11 1.68
C THR A 56 0.04 8.11 2.85
N HIS A 57 -0.43 9.29 3.28
CA HIS A 57 -1.47 9.36 4.33
C HIS A 57 -2.76 8.77 3.82
N LEU A 58 -3.17 9.14 2.61
CA LEU A 58 -4.44 8.67 2.08
C LEU A 58 -4.46 7.16 1.92
N ILE A 59 -3.38 6.60 1.39
CA ILE A 59 -3.26 5.16 1.26
C ILE A 59 -3.40 4.51 2.63
N THR A 60 -2.72 5.10 3.64
CA THR A 60 -2.80 4.58 5.00
C THR A 60 -4.22 4.61 5.53
N GLU A 61 -4.93 5.71 5.27
CA GLU A 61 -6.26 5.87 5.84
C GLU A 61 -7.25 4.93 5.19
N TYR A 62 -7.10 4.70 3.88
CA TYR A 62 -7.94 3.70 3.20
C TYR A 62 -7.69 2.33 3.79
N ALA A 63 -6.45 2.00 4.05
CA ALA A 63 -6.18 0.70 4.65
C ALA A 63 -6.84 0.59 6.03
N TRP A 64 -6.76 1.65 6.85
CA TRP A 64 -7.27 1.55 8.23
C TRP A 64 -8.79 1.50 8.27
N VAL A 65 -9.46 2.24 7.36
CA VAL A 65 -10.92 2.18 7.35
C VAL A 65 -11.36 0.77 6.97
N GLN A 66 -10.61 0.11 6.09
CA GLN A 66 -10.94 -1.24 5.70
C GLN A 66 -10.63 -2.24 6.83
N VAL A 67 -9.54 -2.04 7.56
CA VAL A 67 -9.27 -2.86 8.75
C VAL A 67 -10.47 -2.82 9.69
N HIS A 68 -10.96 -1.62 9.98
CA HIS A 68 -12.13 -1.46 10.86
C HIS A 68 -13.32 -2.24 10.36
N TYR A 69 -13.61 -2.12 9.05
CA TYR A 69 -14.72 -2.86 8.47
C TYR A 69 -14.55 -4.35 8.65
N GLU A 70 -13.33 -4.87 8.50
CA GLU A 70 -13.14 -6.30 8.67
C GLU A 70 -13.19 -6.70 10.15
N LEU A 71 -12.75 -5.84 11.07
CA LEU A 71 -12.86 -6.19 12.48
C LEU A 71 -14.32 -6.21 12.93
N ARG A 72 -15.14 -5.29 12.41
CA ARG A 72 -16.57 -5.37 12.68
C ARG A 72 -17.14 -6.72 12.24
N ARG A 73 -16.73 -7.20 11.08
CA ARG A 73 -17.22 -8.49 10.61
C ARG A 73 -16.74 -9.60 11.52
N ALA A 74 -15.50 -9.49 12.01
CA ALA A 74 -14.95 -10.48 12.92
C ALA A 74 -15.76 -10.55 14.21
N ILE A 75 -16.14 -9.38 14.75
CA ILE A 75 -16.99 -9.36 15.94
C ILE A 75 -18.27 -10.13 15.68
N GLY A 76 -18.93 -9.82 14.55
CA GLY A 76 -20.12 -10.57 14.16
C GLY A 76 -19.89 -12.07 14.10
N HIS A 77 -18.74 -12.50 13.59
CA HIS A 77 -18.51 -13.94 13.45
C HIS A 77 -18.26 -14.59 14.79
N LEU A 78 -17.50 -13.91 15.67
CA LEU A 78 -17.19 -14.44 16.98
C LEU A 78 -18.45 -14.56 17.84
N ASP A 79 -19.34 -13.57 17.78
CA ASP A 79 -20.57 -13.58 18.55
C ASP A 79 -21.49 -14.71 18.14
N GLU A 80 -21.34 -15.25 16.92
CA GLU A 80 -22.16 -16.33 16.41
C GLU A 80 -21.39 -17.64 16.36
N ASP A 81 -20.24 -17.70 17.03
CA ASP A 81 -19.39 -18.89 17.07
C ASP A 81 -18.90 -19.33 15.69
N ARG A 82 -18.79 -18.41 14.73
CA ARG A 82 -18.25 -18.73 13.41
C ARG A 82 -16.75 -18.44 13.40
N TYR A 83 -16.02 -19.33 14.09
CA TYR A 83 -14.61 -19.11 14.38
C TYR A 83 -13.75 -19.15 13.11
N HIS A 84 -13.97 -20.14 12.23
CA HIS A 84 -13.19 -20.18 10.98
C HIS A 84 -13.38 -18.90 10.19
N GLN A 85 -14.59 -18.37 10.17
CA GLN A 85 -14.83 -17.17 9.40
C GLN A 85 -14.16 -15.96 10.03
N ALA A 86 -14.05 -15.93 11.36
CA ALA A 86 -13.36 -14.82 12.03
C ALA A 86 -11.87 -14.80 11.71
N VAL A 87 -11.24 -15.98 11.64
CA VAL A 87 -9.83 -16.10 11.26
C VAL A 87 -9.56 -15.32 9.98
N ARG A 88 -10.37 -15.55 8.94
CA ARG A 88 -10.13 -14.92 7.63
C ARG A 88 -10.18 -13.40 7.76
N MET A 89 -11.08 -12.89 8.59
CA MET A 89 -11.19 -11.44 8.80
C MET A 89 -9.92 -10.89 9.44
N PHE A 90 -9.39 -11.59 10.46
CA PHE A 90 -8.19 -11.08 11.14
C PHE A 90 -6.99 -11.15 10.21
N ASP A 91 -6.92 -12.17 9.36
CA ASP A 91 -5.80 -12.28 8.44
C ASP A 91 -5.86 -11.18 7.39
N ARG A 92 -7.06 -10.88 6.90
CA ARG A 92 -7.24 -9.77 5.98
C ARG A 92 -6.84 -8.44 6.62
N ALA A 93 -7.29 -8.20 7.86
CA ALA A 93 -6.87 -7.01 8.59
C ALA A 93 -5.35 -6.93 8.68
N THR A 94 -4.69 -8.05 8.96
CA THR A 94 -3.23 -8.04 9.08
C THR A 94 -2.56 -7.61 7.78
N GLY A 95 -3.02 -8.14 6.64
CA GLY A 95 -2.43 -7.75 5.38
C GLY A 95 -2.68 -6.28 5.06
N LEU A 96 -3.86 -5.77 5.44
CA LEU A 96 -4.10 -4.34 5.27
C LEU A 96 -3.17 -3.52 6.16
N SER A 97 -2.99 -3.96 7.40
CA SER A 97 -2.05 -3.28 8.28
C SER A 97 -0.65 -3.23 7.65
N GLU A 98 -0.23 -4.30 6.98
CA GLU A 98 1.10 -4.29 6.37
C GLU A 98 1.22 -3.28 5.24
N VAL A 99 0.11 -2.90 4.62
CA VAL A 99 0.17 -1.80 3.66
C VAL A 99 0.50 -0.48 4.37
N THR A 100 -0.06 -0.26 5.56
CA THR A 100 0.25 0.99 6.26
C THR A 100 1.73 1.05 6.63
N VAL A 101 2.32 -0.08 6.99
CA VAL A 101 3.75 -0.11 7.30
C VAL A 101 4.55 0.28 6.06
N GLN A 102 4.20 -0.30 4.92
CA GLN A 102 4.90 0.03 3.67
CA GLN A 102 4.94 0.05 3.71
C GLN A 102 4.73 1.51 3.34
N ALA A 103 3.57 2.08 3.68
CA ALA A 103 3.31 3.48 3.36
C ALA A 103 4.16 4.42 4.21
N VAL A 104 4.37 4.08 5.48
CA VAL A 104 5.14 5.00 6.31
C VAL A 104 6.64 4.84 6.05
N ARG A 105 7.07 3.61 5.74
CA ARG A 105 8.47 3.45 5.34
C ARG A 105 8.78 4.15 4.03
N LEU A 106 7.77 4.35 3.19
CA LEU A 106 7.99 5.15 1.99
C LEU A 106 8.49 6.54 2.36
N LEU A 107 7.87 7.16 3.37
CA LEU A 107 8.35 8.47 3.82
C LEU A 107 9.74 8.39 4.42
N THR A 108 10.00 7.35 5.24
CA THR A 108 11.33 7.21 5.81
C THR A 108 12.41 7.14 4.74
N ASP A 109 12.13 6.47 3.63
CA ASP A 109 13.15 6.21 2.62
C ASP A 109 13.26 7.29 1.57
N HIS A 110 12.18 8.05 1.31
CA HIS A 110 12.18 8.98 0.19
C HIS A 110 11.78 10.40 0.53
N LEU A 111 11.24 10.67 1.71
CA LEU A 111 10.90 12.06 2.01
C LEU A 111 12.12 12.77 2.57
N PRO A 112 12.65 13.76 1.86
CA PRO A 112 13.80 14.52 2.38
C PRO A 112 13.44 15.31 3.64
N GLN A 113 14.28 15.19 4.66
CA GLN A 113 14.05 15.95 5.88
C GLN A 113 13.92 17.44 5.58
N HIS A 114 14.75 17.95 4.67
CA HIS A 114 14.70 19.38 4.36
C HIS A 114 13.37 19.78 3.71
N SER A 115 12.74 18.91 2.92
CA SER A 115 11.42 19.26 2.39
C SER A 115 10.36 19.17 3.47
N LEU A 116 10.52 18.22 4.40
CA LEU A 116 9.53 18.10 5.46
C LEU A 116 9.56 19.33 6.36
N LEU A 117 10.76 19.85 6.65
CA LEU A 117 10.86 21.03 7.52
C LEU A 117 10.29 22.27 6.83
N MET A 118 10.57 22.46 5.54
CA MET A 118 9.95 23.57 4.81
C MET A 118 8.45 23.39 4.70
N MET A 119 7.99 22.16 4.52
CA MET A 119 6.56 21.93 4.40
C MET A 119 5.87 22.12 5.75
N ARG A 120 6.51 21.65 6.82
CA ARG A 120 5.98 21.83 8.18
C ARG A 120 5.80 23.30 8.53
N ASN A 121 6.55 24.20 7.90
CA ASN A 121 6.39 25.63 8.14
C ASN A 121 5.14 26.17 7.46
N ALA A 122 4.88 25.76 6.21
CA ALA A 122 3.70 26.21 5.47
C ALA A 122 2.42 25.55 5.92
N LEU A 123 2.48 24.67 6.90
CA LEU A 123 1.40 23.79 7.29
C LEU A 123 0.76 24.26 8.59
N PRO A 124 -0.54 24.06 8.77
CA PRO A 124 -1.19 24.45 10.03
C PRO A 124 -0.51 23.83 11.24
N GLU A 125 -0.01 24.69 12.12
CA GLU A 125 0.79 24.28 13.26
C GLU A 125 0.09 23.27 14.17
N ASP A 126 -1.23 23.12 14.05
CA ASP A 126 -1.99 22.28 14.97
C ASP A 126 -2.42 20.94 14.37
N ALA A 127 -2.11 20.69 13.08
CA ALA A 127 -2.44 19.41 12.45
C ALA A 127 -1.61 18.30 13.07
N THR A 128 -2.28 17.26 13.56
CA THR A 128 -1.61 16.18 14.24
C THR A 128 -2.27 14.83 13.89
N GLY A 129 -1.43 13.80 13.76
CA GLY A 129 -1.90 12.45 13.55
C GLY A 129 -2.74 11.89 14.68
N LEU A 130 -2.69 12.50 15.88
CA LEU A 130 -3.62 12.09 16.92
C LEU A 130 -5.06 12.23 16.47
N ASP A 131 -5.33 12.98 15.41
CA ASP A 131 -6.69 13.14 14.93
C ASP A 131 -7.01 12.23 13.75
N SER A 132 -6.16 11.25 13.46
CA SER A 132 -6.42 10.32 12.38
C SER A 132 -7.73 9.57 12.66
N PRO A 133 -8.72 9.66 11.77
CA PRO A 133 -9.90 8.80 11.95
C PRO A 133 -9.56 7.32 11.89
N GLY A 134 -8.63 6.95 11.00
CA GLY A 134 -8.26 5.56 10.90
C GLY A 134 -7.65 5.03 12.19
N TYR A 135 -6.69 5.77 12.74
CA TYR A 135 -6.07 5.34 13.98
C TYR A 135 -7.04 5.39 15.15
N ARG A 136 -7.86 6.45 15.23
CA ARG A 136 -8.76 6.59 16.37
C ARG A 136 -9.81 5.48 16.40
N ASN A 137 -10.46 5.23 15.25
CA ASN A 137 -11.49 4.18 15.23
C ASN A 137 -10.89 2.80 15.44
N LEU A 138 -9.65 2.60 15.00
CA LEU A 138 -9.01 1.30 15.23
C LEU A 138 -8.83 1.07 16.72
N ARG A 139 -8.42 2.10 17.46
CA ARG A 139 -8.30 1.95 18.92
C ARG A 139 -9.65 1.74 19.57
N ARG A 140 -10.70 2.41 19.07
CA ARG A 140 -12.03 2.25 19.66
C ARG A 140 -12.59 0.86 19.41
N VAL A 141 -12.36 0.31 18.21
CA VAL A 141 -12.95 -0.98 17.87
C VAL A 141 -12.19 -2.14 18.49
N ALA A 142 -10.97 -1.92 18.96
CA ALA A 142 -10.18 -2.99 19.57
C ALA A 142 -10.86 -3.52 20.84
N ARG A 143 -11.57 -2.65 21.56
CA ARG A 143 -12.24 -3.08 22.79
C ARG A 143 -13.36 -4.08 22.52
N PRO A 144 -14.37 -3.77 21.70
CA PRO A 144 -15.37 -4.80 21.37
C PRO A 144 -14.77 -6.04 20.72
N VAL A 145 -13.69 -5.89 19.94
CA VAL A 145 -13.09 -7.07 19.32
C VAL A 145 -12.58 -8.00 20.41
N TRP A 146 -11.83 -7.43 21.36
CA TRP A 146 -11.34 -8.26 22.44
C TRP A 146 -12.48 -8.87 23.26
N LYS A 147 -13.52 -8.09 23.55
CA LYS A 147 -14.64 -8.65 24.31
C LYS A 147 -15.24 -9.85 23.59
N ALA A 148 -15.47 -9.71 22.28
CA ALA A 148 -16.10 -10.81 21.54
C ALA A 148 -15.25 -12.07 21.59
N TYR A 149 -13.93 -11.92 21.46
CA TYR A 149 -13.05 -13.08 21.57
C TYR A 149 -13.09 -13.69 22.97
N GLU A 150 -12.98 -12.85 23.99
CA GLU A 150 -13.00 -13.35 25.36
C GLU A 150 -14.30 -14.08 25.67
N GLN A 151 -15.44 -13.49 25.27
CA GLN A 151 -16.72 -14.15 25.49
C GLN A 151 -16.76 -15.51 24.78
N ALA A 152 -16.27 -15.56 23.53
CA ALA A 152 -16.32 -16.81 22.80
C ALA A 152 -15.50 -17.89 23.50
N VAL A 153 -14.39 -17.50 24.12
CA VAL A 153 -13.56 -18.47 24.84
C VAL A 153 -14.25 -18.94 26.11
N GLU A 154 -14.91 -18.03 26.82
CA GLU A 154 -15.70 -18.39 28.00
C GLU A 154 -16.77 -19.41 27.63
N ARG A 155 -17.68 -19.06 26.71
CA ARG A 155 -18.74 -19.98 26.30
C ARG A 155 -18.19 -21.36 26.00
N ALA A 156 -17.01 -21.43 25.40
CA ALA A 156 -16.46 -22.74 25.14
C ALA A 156 -15.90 -23.41 26.39
N GLY A 157 -15.92 -22.71 27.52
CA GLY A 157 -15.32 -23.20 28.75
C GLY A 157 -13.82 -23.46 28.64
N LEU A 158 -13.08 -22.56 28.02
CA LEU A 158 -11.67 -22.83 27.78
C LEU A 158 -10.77 -21.88 28.57
N SER A 159 -9.55 -22.34 28.78
CA SER A 159 -8.50 -21.53 29.36
C SER A 159 -7.65 -20.92 28.25
N LEU A 160 -7.34 -19.63 28.39
CA LEU A 160 -6.45 -18.99 27.44
C LEU A 160 -5.11 -19.71 27.36
N GLN A 161 -4.64 -20.28 28.47
CA GLN A 161 -3.40 -21.05 28.42
C GLN A 161 -3.59 -22.33 27.62
N ASP A 162 -4.79 -22.93 27.71
CA ASP A 162 -5.12 -24.09 26.88
C ASP A 162 -5.02 -23.74 25.41
N VAL A 163 -5.59 -22.60 25.04
CA VAL A 163 -5.60 -22.14 23.66
C VAL A 163 -4.17 -21.93 23.16
N ILE A 164 -3.31 -21.35 24.00
CA ILE A 164 -1.93 -21.12 23.58
C ILE A 164 -1.20 -22.44 23.37
N ALA A 165 -1.37 -23.40 24.29
CA ALA A 165 -0.60 -24.63 24.21
C ALA A 165 -0.91 -25.44 22.95
N GLN A 166 -2.16 -25.42 22.49
CA GLN A 166 -2.59 -26.22 21.34
C GLN A 166 -1.97 -25.79 20.00
N GLN A 167 -1.36 -24.61 19.92
CA GLN A 167 -0.58 -24.25 18.74
C GLN A 167 0.64 -25.15 18.55
N ASP A 168 1.13 -25.79 19.63
CA ASP A 168 2.29 -26.67 19.58
C ASP A 168 1.88 -28.09 19.17
N ASP A 169 2.57 -28.63 18.14
CA ASP A 169 2.28 -30.00 17.71
C ASP A 169 2.66 -31.02 18.76
N GLY A 170 3.63 -30.71 19.63
CA GLY A 170 4.02 -31.62 20.69
C GLY A 170 3.09 -31.67 21.88
N TYR A 171 2.24 -30.65 22.05
CA TYR A 171 1.34 -30.61 23.19
C TYR A 171 0.38 -31.81 23.18
N ASP A 172 0.20 -32.42 24.37
CA ASP A 172 -0.50 -33.69 24.50
C ASP A 172 -1.88 -33.58 25.14
N GLY A 173 -2.25 -32.42 25.66
CA GLY A 173 -3.50 -32.25 26.36
C GLY A 173 -4.71 -32.37 25.44
N PRO A 174 -5.88 -32.09 25.99
CA PRO A 174 -7.12 -32.24 25.22
C PRO A 174 -7.25 -31.19 24.13
N ARG A 175 -7.85 -31.60 23.01
CA ARG A 175 -8.19 -30.71 21.90
C ARG A 175 -9.57 -31.05 21.39
N SER A 176 -10.40 -30.04 21.19
CA SER A 176 -11.61 -30.16 20.39
C SER A 176 -11.42 -29.38 19.09
N GLY A 177 -12.43 -29.48 18.21
CA GLY A 177 -12.43 -28.66 17.03
C GLY A 177 -12.61 -27.18 17.37
N GLY A 178 -13.43 -26.89 18.38
CA GLY A 178 -13.65 -25.51 18.76
C GLY A 178 -12.45 -24.89 19.45
N SER A 179 -11.72 -25.68 20.26
CA SER A 179 -10.57 -25.09 20.93
C SER A 179 -9.46 -24.78 19.94
N GLN A 180 -9.25 -25.66 18.95
CA GLN A 180 -8.22 -25.41 17.94
C GLN A 180 -8.60 -24.28 16.99
N SER A 181 -9.90 -24.11 16.73
CA SER A 181 -10.36 -22.93 15.99
C SER A 181 -10.09 -21.65 16.76
N LEU A 182 -10.42 -21.63 18.05
CA LEU A 182 -10.11 -20.47 18.85
C LEU A 182 -8.61 -20.24 18.94
N ALA A 183 -7.82 -21.32 18.85
CA ALA A 183 -6.37 -21.15 18.78
C ALA A 183 -5.98 -20.39 17.51
N LEU A 184 -6.48 -20.81 16.34
CA LEU A 184 -6.17 -20.08 15.11
C LEU A 184 -6.61 -18.62 15.18
N VAL A 185 -7.75 -18.34 15.80
CA VAL A 185 -8.20 -16.96 15.96
C VAL A 185 -7.20 -16.18 16.79
N ARG A 186 -6.79 -16.76 17.93
CA ARG A 186 -5.79 -16.15 18.80
C ARG A 186 -4.53 -15.76 18.02
N GLU A 187 -3.97 -16.71 17.26
CA GLU A 187 -2.74 -16.45 16.52
C GLU A 187 -2.94 -15.35 15.50
N ALA A 188 -4.09 -15.36 14.82
CA ALA A 188 -4.38 -14.31 13.84
C ALA A 188 -4.51 -12.95 14.52
N MET A 189 -5.08 -12.93 15.70
CA MET A 189 -5.19 -11.69 16.48
C MET A 189 -3.82 -11.19 16.91
N LEU A 190 -2.94 -12.10 17.32
CA LEU A 190 -1.62 -11.69 17.75
C LEU A 190 -0.79 -11.17 16.57
N ARG A 191 -0.98 -11.76 15.38
CA ARG A 191 -0.28 -11.26 14.20
C ARG A 191 -0.77 -9.87 13.85
N LEU A 192 -2.07 -9.62 13.99
CA LEU A 192 -2.57 -8.28 13.70
C LEU A 192 -1.95 -7.26 14.65
N ASP A 193 -1.95 -7.57 15.95
CA ASP A 193 -1.42 -6.63 16.94
C ASP A 193 0.07 -6.39 16.71
N GLY A 194 0.82 -7.46 16.43
CA GLY A 194 2.23 -7.30 16.10
C GLY A 194 2.44 -6.41 14.89
N SER A 195 1.56 -6.54 13.89
CA SER A 195 1.65 -5.68 12.72
C SER A 195 1.45 -4.21 13.11
N VAL A 196 0.45 -3.94 13.96
CA VAL A 196 0.20 -2.56 14.36
C VAL A 196 1.34 -2.02 15.23
N LEU A 197 1.86 -2.84 16.15
CA LEU A 197 3.08 -2.43 16.85
C LEU A 197 4.18 -2.12 15.86
N GLY A 198 4.30 -2.94 14.82
CA GLY A 198 5.29 -2.67 13.79
C GLY A 198 5.10 -1.31 13.17
N TRP A 199 3.85 -0.97 12.79
CA TRP A 199 3.56 0.37 12.27
C TRP A 199 4.05 1.44 13.22
N LYS A 200 3.70 1.32 14.50
CA LYS A 200 4.12 2.30 15.50
C LYS A 200 5.63 2.42 15.55
N GLN A 201 6.33 1.29 15.52
CA GLN A 201 7.79 1.35 15.54
C GLN A 201 8.37 1.99 14.30
N HIS A 202 7.82 1.70 13.12
CA HIS A 202 8.39 2.33 11.91
C HIS A 202 8.04 3.81 11.85
N HIS A 203 6.85 4.18 12.34
CA HIS A 203 6.50 5.59 12.43
C HIS A 203 7.48 6.33 13.34
N LEU A 204 7.85 5.71 14.48
CA LEU A 204 8.87 6.29 15.35
C LEU A 204 10.19 6.49 14.62
N ILE A 205 10.70 5.44 13.96
CA ILE A 205 11.95 5.56 13.23
C ILE A 205 11.86 6.70 12.24
N MET A 206 10.69 6.88 11.64
CA MET A 206 10.49 7.94 10.66
C MET A 206 10.56 9.31 11.34
N VAL A 207 9.89 9.46 12.48
CA VAL A 207 9.91 10.72 13.21
C VAL A 207 11.34 11.07 13.63
N TRP A 208 12.12 10.07 14.08
CA TRP A 208 13.49 10.35 14.48
C TRP A 208 14.31 10.92 13.34
N SER A 209 14.05 10.44 12.12
CA SER A 209 14.87 10.88 10.99
C SER A 209 14.43 12.23 10.44
N GLN A 210 13.29 12.75 10.88
CA GLN A 210 12.75 14.00 10.37
C GLN A 210 12.75 15.12 11.39
N LEU A 211 12.34 14.82 12.62
CA LEU A 211 12.30 15.80 13.70
C LEU A 211 13.43 15.58 14.71
N GLY A 212 14.39 14.73 14.41
CA GLY A 212 15.38 14.36 15.41
C GLY A 212 14.73 13.57 16.54
N GLY A 213 15.51 13.40 17.62
CA GLY A 213 15.00 12.80 18.83
C GLY A 213 15.39 11.36 19.08
N GLN A 214 16.38 10.83 18.35
CA GLN A 214 16.75 9.43 18.51
C GLN A 214 17.23 9.16 19.94
N PRO A 215 16.65 8.17 20.63
CA PRO A 215 16.97 7.96 22.06
C PRO A 215 18.39 7.48 22.34
N GLY A 216 19.09 6.90 21.36
CA GLY A 216 20.47 6.50 21.58
C GLY A 216 21.46 7.64 21.61
N LEU A 217 21.03 8.86 21.26
CA LEU A 217 21.90 10.03 21.31
C LEU A 217 22.19 10.50 22.73
N ARG A 218 21.49 9.94 23.72
CA ARG A 218 21.95 9.93 25.11
C ARG A 218 22.27 8.49 25.48
N ARG A 237 7.24 17.41 18.01
CA ARG A 237 8.16 17.65 19.12
C ARG A 237 7.50 17.26 20.46
N SER A 238 6.47 16.42 20.38
CA SER A 238 5.85 15.81 21.56
C SER A 238 6.38 14.40 21.77
N LEU A 239 7.71 14.27 21.75
CA LEU A 239 8.32 12.98 21.49
C LEU A 239 8.08 11.99 22.62
N ALA A 240 8.17 12.43 23.88
CA ALA A 240 8.15 11.48 24.98
C ALA A 240 6.84 10.72 25.05
N THR A 241 5.73 11.41 24.76
CA THR A 241 4.44 10.74 24.69
C THR A 241 4.39 9.75 23.53
N LEU A 242 4.93 10.14 22.37
CA LEU A 242 4.95 9.27 21.20
C LEU A 242 5.67 7.96 21.48
N GLU A 243 6.83 8.01 22.14
CA GLU A 243 7.53 6.78 22.44
C GLU A 243 6.73 5.91 23.41
N ALA A 244 6.10 6.52 24.41
CA ALA A 244 5.35 5.71 25.36
C ALA A 244 4.07 5.18 24.72
N ARG A 245 3.45 5.98 23.85
CA ARG A 245 2.27 5.53 23.13
C ARG A 245 2.59 4.35 22.20
N SER A 246 3.80 4.34 21.63
CA SER A 246 4.25 3.34 20.65
C SER A 246 4.36 1.94 21.23
N GLN A 247 4.10 1.74 22.51
CA GLN A 247 4.23 0.42 23.10
C GLN A 247 2.90 -0.14 23.57
N LEU A 248 1.79 0.55 23.34
CA LEU A 248 0.48 0.04 23.71
C LEU A 248 -0.05 -0.90 22.64
N ALA A 249 -0.42 -2.10 23.06
CA ALA A 249 -0.96 -3.09 22.14
C ALA A 249 -2.47 -2.86 21.95
N LEU A 250 -3.01 -3.47 20.89
CA LEU A 250 -4.46 -3.46 20.70
C LEU A 250 -5.14 -4.44 21.65
N PHE A 251 -4.50 -5.57 21.93
CA PHE A 251 -5.05 -6.64 22.76
C PHE A 251 -4.07 -6.96 23.87
N PRO A 252 -3.95 -6.10 24.88
CA PRO A 252 -2.94 -6.31 25.92
C PRO A 252 -3.08 -7.63 26.65
N GLU A 253 -4.30 -8.17 26.71
CA GLU A 253 -4.52 -9.46 27.36
C GLU A 253 -3.75 -10.59 26.69
N LEU A 254 -3.58 -10.54 25.36
CA LEU A 254 -2.85 -11.59 24.68
C LEU A 254 -1.38 -11.56 25.07
N TRP A 255 -0.84 -10.37 25.28
CA TRP A 255 0.54 -10.25 25.73
C TRP A 255 0.67 -10.63 27.20
N ARG A 256 -0.32 -10.28 28.02
CA ARG A 256 -0.36 -10.77 29.40
CA ARG A 256 -0.30 -10.78 29.40
C ARG A 256 -0.36 -12.29 29.42
N ALA A 257 -1.23 -12.89 28.59
CA ALA A 257 -1.31 -14.34 28.50
C ALA A 257 0.02 -14.94 28.06
N ALA A 258 0.75 -14.26 27.18
CA ALA A 258 2.08 -14.71 26.81
C ALA A 258 3.04 -14.63 28.00
N GLU A 259 2.90 -13.62 28.85
CA GLU A 259 3.75 -13.53 30.04
C GLU A 259 3.43 -14.64 31.06
N ASP A 260 2.15 -14.91 31.31
CA ASP A 260 1.79 -15.97 32.25
C ASP A 260 2.35 -17.32 31.82
N ALA A 261 2.37 -17.58 30.51
CA ALA A 261 2.84 -18.86 30.02
C ALA A 261 4.33 -19.05 30.24
N TYR A 262 5.09 -17.94 30.22
CA TYR A 262 6.52 -18.00 30.51
C TYR A 262 6.79 -18.37 31.97
N TRP A 263 6.11 -17.70 32.92
CA TRP A 263 6.27 -18.04 34.33
C TRP A 263 5.80 -19.46 34.61
N LEU A 264 4.73 -19.88 33.94
CA LEU A 264 4.17 -21.21 34.15
C LEU A 264 5.05 -22.32 33.59
N LEU A 265 5.86 -22.04 32.55
CA LEU A 265 6.53 -23.12 31.81
C LEU A 265 8.00 -22.86 31.49
N GLY A 266 8.53 -21.67 31.73
CA GLY A 266 9.91 -21.39 31.37
C GLY A 266 10.83 -20.97 32.50
N THR A 267 10.58 -21.47 33.71
CA THR A 267 11.41 -21.11 34.87
C THR A 267 11.91 -22.36 35.62
N SER B 6 -22.55 13.58 6.24
CA SER B 6 -21.73 12.44 6.65
C SER B 6 -20.81 12.79 7.82
N LEU B 7 -21.15 12.28 9.01
CA LEU B 7 -20.28 12.27 10.19
C LEU B 7 -19.83 10.85 10.54
N ASN B 8 -20.12 9.87 9.66
CA ASN B 8 -20.03 8.44 9.93
C ASN B 8 -20.48 7.61 8.72
N PRO B 9 -19.83 6.45 8.41
CA PRO B 9 -20.46 5.51 7.47
C PRO B 9 -21.30 4.42 8.15
N ASP B 10 -21.86 4.65 9.33
CA ASP B 10 -22.77 3.68 9.93
C ASP B 10 -24.11 4.32 10.29
N GLU B 11 -24.92 3.59 11.08
CA GLU B 11 -26.11 4.10 11.76
C GLU B 11 -26.36 3.30 13.05
N PRO B 12 -26.40 1.96 13.04
CA PRO B 12 -26.41 1.24 14.33
C PRO B 12 -25.01 0.90 14.80
N ASN B 13 -24.86 0.83 16.14
CA ASN B 13 -23.55 0.53 16.72
C ASN B 13 -23.50 0.41 18.25
N ALA B 14 -22.27 0.15 18.74
CA ALA B 14 -21.87 0.42 20.11
C ALA B 14 -20.71 1.40 20.02
N LEU B 15 -19.46 0.93 20.20
CA LEU B 15 -18.26 1.65 19.79
C LEU B 15 -17.81 1.23 18.38
N LEU B 16 -18.71 0.65 17.60
CA LEU B 16 -18.41 0.13 16.27
C LEU B 16 -18.60 1.17 15.18
N SER B 17 -18.76 2.43 15.55
CA SER B 17 -19.03 3.48 14.60
C SER B 17 -17.72 4.01 14.02
N TYR B 18 -17.70 4.22 12.71
CA TYR B 18 -16.52 4.81 12.10
C TYR B 18 -16.73 6.32 12.06
N ASP B 19 -16.23 6.99 13.09
CA ASP B 19 -16.37 8.44 13.19
C ASP B 19 -15.37 9.15 12.29
N PHE B 20 -15.86 10.04 11.43
CA PHE B 20 -14.97 10.86 10.61
C PHE B 20 -15.65 12.20 10.34
N ASP B 21 -15.02 13.01 9.48
CA ASP B 21 -15.46 14.37 9.19
C ASP B 21 -15.56 15.22 10.46
N ARG B 22 -14.48 15.21 11.25
CA ARG B 22 -14.45 15.85 12.55
C ARG B 22 -13.80 17.24 12.50
N GLY B 23 -13.48 17.74 11.30
CA GLY B 23 -12.99 19.09 11.15
C GLY B 23 -11.55 19.34 11.54
N SER B 24 -10.83 18.33 12.04
CA SER B 24 -9.43 18.50 12.43
C SER B 24 -8.60 18.98 11.24
N ASN B 25 -7.46 19.60 11.55
CA ASN B 25 -6.63 20.07 10.46
C ASN B 25 -5.82 18.95 9.80
N TYR B 26 -5.64 17.82 10.50
CA TYR B 26 -5.21 16.58 9.86
C TYR B 26 -6.13 16.23 8.69
N GLU B 27 -7.44 16.15 8.94
CA GLU B 27 -8.39 15.86 7.87
C GLU B 27 -8.42 16.95 6.80
N ASN B 28 -8.32 18.23 7.20
CA ASN B 28 -8.42 19.32 6.22
C ASN B 28 -7.24 19.31 5.26
N VAL B 29 -6.02 19.21 5.79
CA VAL B 29 -4.83 19.24 4.96
C VAL B 29 -4.85 18.09 3.94
N LEU B 30 -5.28 16.90 4.37
CA LEU B 30 -5.28 15.72 3.51
C LEU B 30 -6.51 15.61 2.61
N HIS B 31 -7.55 16.42 2.84
CA HIS B 31 -8.85 16.28 2.16
C HIS B 31 -9.40 14.89 2.39
N LEU B 32 -9.23 14.39 3.62
CA LEU B 32 -9.58 13.02 3.95
C LEU B 32 -11.07 12.77 3.81
N THR B 33 -11.92 13.76 4.12
CA THR B 33 -13.35 13.55 4.01
C THR B 33 -13.78 13.34 2.55
N ASP B 34 -13.15 14.06 1.62
CA ASP B 34 -13.44 13.81 0.21
C ASP B 34 -13.01 12.40 -0.18
N ALA B 35 -11.84 11.97 0.27
CA ALA B 35 -11.35 10.63 -0.07
C ALA B 35 -12.25 9.54 0.52
N LEU B 36 -12.62 9.68 1.79
CA LEU B 36 -13.52 8.72 2.41
C LEU B 36 -14.92 8.78 1.80
N GLY B 37 -15.28 9.89 1.16
CA GLY B 37 -16.56 9.99 0.49
C GLY B 37 -16.70 9.05 -0.69
N ALA B 38 -15.59 8.57 -1.25
CA ALA B 38 -15.67 7.72 -2.42
C ALA B 38 -16.08 6.27 -2.09
N LEU B 39 -15.94 5.85 -0.84
CA LEU B 39 -16.29 4.48 -0.49
C LEU B 39 -17.78 4.23 -0.72
N VAL B 40 -18.10 3.08 -1.34
CA VAL B 40 -19.50 2.70 -1.53
C VAL B 40 -20.16 2.73 -0.15
N PRO B 41 -21.22 3.50 0.02
CA PRO B 41 -21.88 3.53 1.34
C PRO B 41 -22.33 2.14 1.73
N GLU B 42 -22.30 1.86 3.03
CA GLU B 42 -22.60 0.49 3.48
C GLU B 42 -24.08 0.13 3.34
N SER B 43 -24.94 1.10 2.98
CA SER B 43 -26.33 0.80 2.65
C SER B 43 -26.53 0.34 1.21
N GLU B 44 -25.48 0.41 0.37
CA GLU B 44 -25.59 0.03 -1.03
C GLU B 44 -24.63 -1.08 -1.42
N THR B 45 -23.97 -1.72 -0.45
CA THR B 45 -23.07 -2.82 -0.75
C THR B 45 -23.88 -4.07 -1.11
N GLU B 46 -23.51 -4.70 -2.23
CA GLU B 46 -24.18 -5.92 -2.66
C GLU B 46 -23.53 -7.16 -2.10
N HIS B 47 -22.46 -7.01 -1.33
CA HIS B 47 -21.68 -8.13 -0.83
C HIS B 47 -20.73 -7.61 0.24
N PRO B 48 -20.50 -8.38 1.31
CA PRO B 48 -19.56 -7.95 2.35
C PRO B 48 -18.13 -7.75 1.83
N ASP B 49 -17.76 -8.40 0.73
CA ASP B 49 -16.41 -8.29 0.23
C ASP B 49 -16.24 -7.16 -0.80
N GLN B 50 -17.29 -6.40 -1.09
CA GLN B 50 -17.18 -5.36 -2.13
C GLN B 50 -16.25 -4.21 -1.70
N ARG B 51 -16.33 -3.78 -0.45
CA ARG B 51 -15.45 -2.72 0.07
C ARG B 51 -13.99 -3.08 -0.12
N PHE B 52 -13.62 -4.29 0.29
CA PHE B 52 -12.25 -4.77 0.15
C PHE B 52 -11.80 -4.70 -1.30
N PHE B 53 -12.63 -5.20 -2.21
CA PHE B 53 -12.40 -5.06 -3.65
C PHE B 53 -12.16 -3.59 -4.01
N GLN B 54 -13.05 -2.69 -3.56
CA GLN B 54 -12.94 -1.29 -3.92
C GLN B 54 -11.65 -0.67 -3.40
N VAL B 55 -11.37 -0.87 -2.11
CA VAL B 55 -10.27 -0.16 -1.47
C VAL B 55 -8.92 -0.55 -2.08
N THR B 56 -8.76 -1.82 -2.47
CA THR B 56 -7.49 -2.22 -3.08
C THR B 56 -7.29 -1.55 -4.44
N HIS B 57 -8.38 -1.33 -5.20
CA HIS B 57 -8.27 -0.55 -6.43
C HIS B 57 -7.87 0.89 -6.14
N LEU B 58 -8.50 1.51 -5.14
CA LEU B 58 -8.24 2.92 -4.86
C LEU B 58 -6.82 3.12 -4.39
N ILE B 59 -6.32 2.24 -3.51
CA ILE B 59 -4.92 2.32 -3.09
C ILE B 59 -4.01 2.23 -4.31
N THR B 60 -4.30 1.32 -5.23
CA THR B 60 -3.49 1.20 -6.43
C THR B 60 -3.54 2.48 -7.25
N GLU B 61 -4.75 2.99 -7.49
CA GLU B 61 -4.86 4.17 -8.34
C GLU B 61 -4.15 5.36 -7.70
N TYR B 62 -4.21 5.49 -6.37
CA TYR B 62 -3.46 6.56 -5.71
C TYR B 62 -1.96 6.39 -5.91
N ALA B 63 -1.46 5.16 -5.79
CA ALA B 63 -0.02 4.98 -5.98
C ALA B 63 0.37 5.27 -7.42
N TRP B 64 -0.47 4.87 -8.39
CA TRP B 64 -0.13 5.09 -9.79
C TRP B 64 -0.16 6.56 -10.17
N VAL B 65 -1.10 7.34 -9.60
CA VAL B 65 -1.11 8.75 -9.96
C VAL B 65 0.13 9.41 -9.38
N GLN B 66 0.58 8.97 -8.21
CA GLN B 66 1.82 9.50 -7.66
C GLN B 66 3.03 9.07 -8.46
N VAL B 67 3.04 7.84 -8.98
CA VAL B 67 4.15 7.40 -9.85
C VAL B 67 4.24 8.33 -11.06
N HIS B 68 3.10 8.59 -11.69
CA HIS B 68 3.06 9.53 -12.81
C HIS B 68 3.69 10.87 -12.43
N TYR B 69 3.21 11.48 -11.34
CA TYR B 69 3.74 12.75 -10.86
C TYR B 69 5.27 12.73 -10.74
N GLU B 70 5.82 11.70 -10.08
CA GLU B 70 7.26 11.64 -9.88
C GLU B 70 8.02 11.40 -11.19
N LEU B 71 7.40 10.72 -12.16
CA LEU B 71 8.07 10.52 -13.44
C LEU B 71 8.14 11.82 -14.23
N ARG B 72 7.10 12.66 -14.16
CA ARG B 72 7.18 13.99 -14.73
C ARG B 72 8.34 14.78 -14.14
N ARG B 73 8.54 14.69 -12.83
CA ARG B 73 9.71 15.34 -12.23
C ARG B 73 11.01 14.75 -12.75
N ALA B 74 11.08 13.43 -12.92
CA ALA B 74 12.30 12.84 -13.46
C ALA B 74 12.63 13.41 -14.82
N ILE B 75 11.60 13.62 -15.66
CA ILE B 75 11.84 14.17 -16.98
C ILE B 75 12.47 15.56 -16.86
N GLY B 76 11.95 16.39 -15.96
CA GLY B 76 12.55 17.70 -15.74
C GLY B 76 14.00 17.62 -15.34
N HIS B 77 14.30 16.81 -14.34
CA HIS B 77 15.69 16.65 -13.91
C HIS B 77 16.57 16.15 -15.04
N LEU B 78 16.10 15.16 -15.81
CA LEU B 78 16.94 14.63 -16.89
C LEU B 78 17.17 15.68 -17.96
N ASP B 79 16.14 16.46 -18.31
CA ASP B 79 16.27 17.48 -19.34
C ASP B 79 17.23 18.61 -18.92
N GLU B 80 17.49 18.76 -17.62
CA GLU B 80 18.39 19.79 -17.11
C GLU B 80 19.67 19.21 -16.53
N ASP B 81 19.97 17.95 -16.84
CA ASP B 81 21.19 17.27 -16.42
C ASP B 81 21.31 17.12 -14.90
N ARG B 82 20.18 17.15 -14.19
CA ARG B 82 20.20 17.00 -12.73
C ARG B 82 20.02 15.51 -12.41
N TYR B 83 21.08 14.75 -12.69
CA TYR B 83 21.01 13.29 -12.67
C TYR B 83 20.79 12.74 -11.27
N HIS B 84 21.50 13.28 -10.27
CA HIS B 84 21.29 12.82 -8.90
C HIS B 84 19.85 13.04 -8.46
N GLN B 85 19.21 14.11 -8.92
CA GLN B 85 17.82 14.29 -8.51
C GLN B 85 16.88 13.37 -9.27
N ALA B 86 17.18 13.02 -10.53
CA ALA B 86 16.37 12.04 -11.24
C ALA B 86 16.37 10.69 -10.52
N VAL B 87 17.55 10.26 -10.04
CA VAL B 87 17.66 8.98 -9.33
C VAL B 87 16.61 8.87 -8.24
N ARG B 88 16.49 9.92 -7.42
CA ARG B 88 15.58 9.85 -6.28
C ARG B 88 14.15 9.72 -6.74
N MET B 89 13.80 10.37 -7.86
CA MET B 89 12.46 10.28 -8.39
C MET B 89 12.13 8.85 -8.83
N PHE B 90 13.10 8.17 -9.46
CA PHE B 90 12.85 6.80 -9.90
C PHE B 90 12.77 5.85 -8.72
N ASP B 91 13.62 6.06 -7.71
CA ASP B 91 13.58 5.23 -6.50
C ASP B 91 12.24 5.37 -5.78
N ARG B 92 11.73 6.60 -5.69
CA ARG B 92 10.43 6.83 -5.06
C ARG B 92 9.31 6.17 -5.85
N ALA B 93 9.37 6.29 -7.19
CA ALA B 93 8.37 5.65 -8.04
C ALA B 93 8.36 4.13 -7.84
N THR B 94 9.55 3.53 -7.70
CA THR B 94 9.62 2.10 -7.46
C THR B 94 8.95 1.74 -6.14
N GLY B 95 9.24 2.51 -5.08
CA GLY B 95 8.60 2.24 -3.80
C GLY B 95 7.09 2.29 -3.91
N LEU B 96 6.58 3.23 -4.69
CA LEU B 96 5.12 3.33 -4.84
C LEU B 96 4.56 2.16 -5.64
N SER B 97 5.29 1.75 -6.68
CA SER B 97 4.90 0.58 -7.46
C SER B 97 4.80 -0.67 -6.59
N GLU B 98 5.72 -0.82 -5.65
CA GLU B 98 5.68 -1.96 -4.74
C GLU B 98 4.43 -1.95 -3.87
N VAL B 99 3.86 -0.78 -3.63
CA VAL B 99 2.59 -0.75 -2.91
C VAL B 99 1.49 -1.37 -3.76
N THR B 100 1.46 -1.05 -5.06
CA THR B 100 0.46 -1.65 -5.93
C THR B 100 0.60 -3.17 -6.00
N VAL B 101 1.83 -3.67 -5.86
CA VAL B 101 2.04 -5.11 -5.86
C VAL B 101 1.43 -5.74 -4.60
N GLN B 102 1.75 -5.17 -3.44
N GLN B 102 1.70 -5.15 -3.44
CA GLN B 102 1.13 -5.56 -2.18
CA GLN B 102 1.11 -5.69 -2.23
C GLN B 102 -0.39 -5.59 -2.32
C GLN B 102 -0.40 -5.52 -2.19
N ALA B 103 -0.95 -4.54 -2.92
CA ALA B 103 -2.39 -4.41 -3.00
C ALA B 103 -3.03 -5.48 -3.88
N VAL B 104 -2.41 -5.86 -5.01
CA VAL B 104 -3.05 -6.90 -5.81
C VAL B 104 -2.85 -8.27 -5.17
N ARG B 105 -1.75 -8.45 -4.45
CA ARG B 105 -1.56 -9.69 -3.71
C ARG B 105 -2.52 -9.84 -2.54
N LEU B 106 -3.05 -8.73 -2.00
CA LEU B 106 -4.12 -8.82 -1.01
C LEU B 106 -5.34 -9.53 -1.58
N LEU B 107 -5.73 -9.17 -2.82
CA LEU B 107 -6.83 -9.85 -3.47
C LEU B 107 -6.53 -11.33 -3.65
N THR B 108 -5.35 -11.65 -4.20
CA THR B 108 -4.97 -13.06 -4.38
C THR B 108 -5.09 -13.84 -3.07
N ASP B 109 -4.64 -13.26 -1.96
CA ASP B 109 -4.59 -13.99 -0.70
C ASP B 109 -5.93 -14.02 0.04
N HIS B 110 -6.81 -13.03 -0.14
CA HIS B 110 -7.97 -12.92 0.73
C HIS B 110 -9.30 -12.70 0.02
N LEU B 111 -9.31 -12.46 -1.29
CA LEU B 111 -10.60 -12.31 -1.96
C LEU B 111 -11.11 -13.69 -2.33
N PRO B 112 -12.23 -14.13 -1.78
CA PRO B 112 -12.74 -15.47 -2.15
C PRO B 112 -13.21 -15.45 -3.61
N GLN B 113 -12.77 -16.45 -4.37
CA GLN B 113 -13.22 -16.57 -5.75
C GLN B 113 -14.74 -16.56 -5.82
N HIS B 114 -15.38 -17.20 -4.84
CA HIS B 114 -16.83 -17.30 -4.88
C HIS B 114 -17.50 -15.93 -4.71
N SER B 115 -16.94 -15.08 -3.84
CA SER B 115 -17.47 -13.72 -3.72
C SER B 115 -17.28 -12.95 -5.01
N LEU B 116 -16.09 -13.06 -5.60
CA LEU B 116 -15.80 -12.33 -6.83
C LEU B 116 -16.78 -12.73 -7.94
N LEU B 117 -17.00 -14.05 -8.11
CA LEU B 117 -17.90 -14.51 -9.16
C LEU B 117 -19.33 -14.00 -8.93
N MET B 118 -19.80 -14.00 -7.68
CA MET B 118 -21.13 -13.45 -7.40
C MET B 118 -21.16 -11.95 -7.71
N MET B 119 -20.17 -11.20 -7.22
CA MET B 119 -20.09 -9.77 -7.55
C MET B 119 -20.03 -9.56 -9.06
N ARG B 120 -19.10 -10.23 -9.72
CA ARG B 120 -18.93 -10.08 -11.17
C ARG B 120 -20.19 -10.43 -11.93
N ASN B 121 -20.98 -11.37 -11.41
CA ASN B 121 -22.25 -11.76 -12.02
C ASN B 121 -23.28 -10.65 -11.97
N ALA B 122 -22.92 -9.48 -11.43
CA ALA B 122 -23.79 -8.32 -11.40
C ALA B 122 -23.14 -7.04 -11.90
N LEU B 123 -21.84 -7.05 -12.24
CA LEU B 123 -21.18 -5.85 -12.75
C LEU B 123 -21.74 -5.46 -14.12
N PRO B 124 -21.54 -4.19 -14.52
CA PRO B 124 -21.93 -3.74 -15.87
C PRO B 124 -21.38 -4.58 -17.03
N GLU B 125 -20.79 -5.74 -16.75
CA GLU B 125 -20.17 -6.62 -17.76
C GLU B 125 -19.35 -5.81 -18.76
N ASP B 126 -18.85 -4.66 -18.28
CA ASP B 126 -18.14 -3.67 -19.07
C ASP B 126 -17.03 -3.01 -18.27
N ALA B 127 -16.97 -3.23 -16.97
CA ALA B 127 -15.94 -2.64 -16.13
C ALA B 127 -14.64 -3.40 -16.35
N THR B 128 -13.73 -2.81 -17.12
CA THR B 128 -12.45 -3.40 -17.46
C THR B 128 -11.31 -2.51 -16.97
N GLY B 129 -10.27 -3.13 -16.38
CA GLY B 129 -9.07 -2.40 -16.01
C GLY B 129 -8.35 -1.73 -17.17
N LEU B 130 -8.69 -2.10 -18.41
CA LEU B 130 -8.16 -1.37 -19.56
C LEU B 130 -8.52 0.12 -19.50
N ASP B 131 -9.54 0.48 -18.73
CA ASP B 131 -9.96 1.87 -18.58
C ASP B 131 -9.32 2.57 -17.39
N SER B 132 -8.47 1.89 -16.64
CA SER B 132 -7.80 2.46 -15.48
C SER B 132 -7.03 3.71 -15.86
N PRO B 133 -7.30 4.86 -15.24
CA PRO B 133 -6.50 6.05 -15.54
C PRO B 133 -5.04 5.91 -15.14
N GLY B 134 -4.77 5.33 -13.96
CA GLY B 134 -3.39 5.13 -13.56
C GLY B 134 -2.61 4.31 -14.57
N TYR B 135 -3.21 3.25 -15.07
CA TYR B 135 -2.48 2.40 -16.01
C TYR B 135 -2.26 3.08 -17.35
N ARG B 136 -3.30 3.70 -17.91
CA ARG B 136 -3.18 4.37 -19.20
C ARG B 136 -2.15 5.49 -19.15
N ASN B 137 -2.19 6.31 -18.09
CA ASN B 137 -1.30 7.45 -18.01
C ASN B 137 0.14 7.04 -17.77
N LEU B 138 0.35 5.96 -17.03
CA LEU B 138 1.69 5.47 -16.81
C LEU B 138 2.28 4.95 -18.12
N ARG B 139 1.41 4.36 -18.95
CA ARG B 139 1.84 3.88 -20.27
CA ARG B 139 1.85 3.87 -20.26
C ARG B 139 2.22 5.04 -21.18
N ARG B 140 1.42 6.11 -21.19
CA ARG B 140 1.71 7.30 -21.99
C ARG B 140 3.03 7.94 -21.60
N VAL B 141 3.21 8.20 -20.30
CA VAL B 141 4.38 8.95 -19.85
C VAL B 141 5.67 8.18 -19.99
N ALA B 142 5.60 6.87 -20.21
CA ALA B 142 6.82 6.07 -20.29
C ALA B 142 7.67 6.46 -21.49
N ARG B 143 7.03 6.79 -22.63
CA ARG B 143 7.80 7.19 -23.80
CA ARG B 143 7.79 7.18 -23.81
C ARG B 143 8.54 8.51 -23.57
N PRO B 144 7.89 9.60 -23.13
CA PRO B 144 8.66 10.79 -22.79
C PRO B 144 9.76 10.52 -21.78
N VAL B 145 9.49 9.66 -20.79
CA VAL B 145 10.50 9.38 -19.77
C VAL B 145 11.72 8.76 -20.41
N TRP B 146 11.51 7.75 -21.25
CA TRP B 146 12.64 7.09 -21.90
C TRP B 146 13.38 8.07 -22.84
N LYS B 147 12.64 8.86 -23.61
CA LYS B 147 13.26 9.87 -24.48
C LYS B 147 14.18 10.78 -23.69
N ALA B 148 13.72 11.28 -22.54
CA ALA B 148 14.53 12.18 -21.73
C ALA B 148 15.81 11.48 -21.25
N TYR B 149 15.72 10.22 -20.84
CA TYR B 149 16.92 9.52 -20.42
C TYR B 149 17.87 9.30 -21.60
N GLU B 150 17.32 8.86 -22.73
CA GLU B 150 18.14 8.59 -23.92
C GLU B 150 18.88 9.84 -24.37
N GLN B 151 18.18 10.98 -24.46
CA GLN B 151 18.85 12.22 -24.84
C GLN B 151 19.95 12.61 -23.86
N ALA B 152 19.73 12.36 -22.57
CA ALA B 152 20.76 12.69 -21.59
C ALA B 152 22.01 11.84 -21.83
N VAL B 153 21.82 10.57 -22.17
CA VAL B 153 22.96 9.71 -22.47
C VAL B 153 23.65 10.19 -23.76
N GLU B 154 22.88 10.60 -24.77
CA GLU B 154 23.45 11.19 -25.98
C GLU B 154 24.31 12.42 -25.66
N ARG B 155 23.73 13.39 -24.96
CA ARG B 155 24.48 14.62 -24.68
C ARG B 155 25.80 14.32 -23.98
N ALA B 156 25.83 13.32 -23.12
CA ALA B 156 27.07 12.96 -22.43
C ALA B 156 28.02 12.16 -23.32
N GLY B 157 27.64 11.84 -24.55
CA GLY B 157 28.48 11.04 -25.41
C GLY B 157 28.71 9.60 -24.96
N LEU B 158 27.72 8.97 -24.33
CA LEU B 158 27.86 7.62 -23.80
C LEU B 158 26.97 6.65 -24.56
N SER B 159 27.35 5.38 -24.53
CA SER B 159 26.48 4.31 -25.00
C SER B 159 25.81 3.62 -23.82
N LEU B 160 24.65 3.02 -24.08
CA LEU B 160 23.99 2.23 -23.05
C LEU B 160 24.90 1.12 -22.53
N GLN B 161 25.71 0.51 -23.41
CA GLN B 161 26.62 -0.55 -22.94
C GLN B 161 27.60 -0.03 -21.93
N ASP B 162 27.99 1.25 -22.06
CA ASP B 162 28.88 1.95 -21.12
C ASP B 162 28.30 2.02 -19.73
N VAL B 163 27.10 2.60 -19.61
CA VAL B 163 26.47 2.76 -18.31
C VAL B 163 26.19 1.40 -17.69
N ILE B 164 25.82 0.40 -18.50
CA ILE B 164 25.62 -0.95 -17.96
C ILE B 164 26.92 -1.49 -17.40
N ALA B 165 28.01 -1.36 -18.16
CA ALA B 165 29.28 -1.92 -17.71
C ALA B 165 29.80 -1.20 -16.47
N GLN B 166 29.48 0.08 -16.31
CA GLN B 166 30.01 0.82 -15.18
C GLN B 166 29.39 0.42 -13.85
N GLN B 167 28.33 -0.39 -13.87
CA GLN B 167 27.79 -0.87 -12.62
C GLN B 167 28.71 -1.91 -11.96
N ASP B 168 29.61 -2.51 -12.72
CA ASP B 168 30.52 -3.55 -12.24
C ASP B 168 31.83 -2.91 -11.73
N ASP B 169 32.14 -3.15 -10.45
CA ASP B 169 33.36 -2.59 -9.86
C ASP B 169 34.61 -3.09 -10.57
N GLY B 170 34.59 -4.32 -11.09
CA GLY B 170 35.71 -4.85 -11.82
C GLY B 170 35.91 -4.31 -13.22
N TYR B 171 35.01 -3.49 -13.74
CA TYR B 171 35.15 -2.97 -15.09
C TYR B 171 36.13 -1.80 -15.08
N ASP B 172 37.11 -1.84 -16.00
CA ASP B 172 38.31 -1.01 -15.96
C ASP B 172 38.30 0.19 -16.90
N GLY B 173 37.22 0.42 -17.65
CA GLY B 173 37.17 1.52 -18.59
C GLY B 173 36.98 2.85 -17.90
N PRO B 174 37.10 3.91 -18.68
CA PRO B 174 37.07 5.26 -18.10
C PRO B 174 35.68 5.63 -17.62
N ARG B 175 35.65 6.41 -16.55
CA ARG B 175 34.41 6.92 -15.97
C ARG B 175 34.54 8.39 -15.64
N SER B 176 33.41 9.07 -15.66
CA SER B 176 33.26 10.41 -15.08
C SER B 176 32.19 10.35 -13.99
N GLY B 177 32.09 11.44 -13.23
CA GLY B 177 30.96 11.59 -12.32
C GLY B 177 29.64 11.54 -13.07
N GLY B 178 29.62 12.11 -14.27
CA GLY B 178 28.39 12.10 -15.06
C GLY B 178 28.00 10.72 -15.56
N SER B 179 28.99 9.90 -15.97
CA SER B 179 28.63 8.59 -16.51
C SER B 179 28.12 7.67 -15.40
N GLN B 180 28.75 7.71 -14.22
CA GLN B 180 28.29 6.90 -13.10
C GLN B 180 26.94 7.39 -12.56
N SER B 181 26.65 8.68 -12.65
CA SER B 181 25.33 9.15 -12.26
C SER B 181 24.26 8.59 -13.20
N LEU B 182 24.54 8.61 -14.51
CA LEU B 182 23.59 8.06 -15.46
C LEU B 182 23.48 6.55 -15.34
N ALA B 183 24.55 5.88 -14.89
CA ALA B 183 24.48 4.48 -14.51
C ALA B 183 23.46 4.27 -13.38
N LEU B 184 23.57 5.07 -12.30
CA LEU B 184 22.61 4.97 -11.22
C LEU B 184 21.19 5.19 -11.70
N VAL B 185 21.00 6.14 -12.62
CA VAL B 185 19.65 6.39 -13.14
C VAL B 185 19.14 5.16 -13.88
N ARG B 186 19.98 4.58 -14.75
CA ARG B 186 19.57 3.38 -15.48
C ARG B 186 19.16 2.27 -14.52
N GLU B 187 19.98 2.05 -13.49
CA GLU B 187 19.68 0.98 -12.54
C GLU B 187 18.35 1.23 -11.85
N ALA B 188 18.10 2.48 -11.45
CA ALA B 188 16.83 2.80 -10.82
C ALA B 188 15.66 2.67 -11.80
N MET B 189 15.85 3.06 -13.06
CA MET B 189 14.80 2.80 -14.04
C MET B 189 14.56 1.31 -14.23
N LEU B 190 15.61 0.50 -14.24
CA LEU B 190 15.40 -0.92 -14.43
C LEU B 190 14.59 -1.49 -13.28
N ARG B 191 14.86 -1.03 -12.05
CA ARG B 191 14.13 -1.53 -10.89
C ARG B 191 12.66 -1.12 -10.93
N LEU B 192 12.38 0.10 -11.38
CA LEU B 192 10.99 0.48 -11.58
C LEU B 192 10.31 -0.44 -12.57
N ASP B 193 10.96 -0.70 -13.71
CA ASP B 193 10.33 -1.51 -14.74
C ASP B 193 10.12 -2.94 -14.24
N GLY B 194 11.09 -3.50 -13.52
CA GLY B 194 10.95 -4.82 -12.95
C GLY B 194 9.78 -4.90 -11.97
N SER B 195 9.54 -3.82 -11.25
CA SER B 195 8.43 -3.78 -10.31
C SER B 195 7.11 -3.71 -11.04
N VAL B 196 7.02 -2.92 -12.11
CA VAL B 196 5.78 -2.91 -12.89
C VAL B 196 5.55 -4.27 -13.57
N LEU B 197 6.59 -4.88 -14.13
CA LEU B 197 6.43 -6.25 -14.63
C LEU B 197 5.97 -7.19 -13.53
N GLY B 198 6.49 -7.00 -12.30
CA GLY B 198 6.04 -7.82 -11.20
C GLY B 198 4.56 -7.63 -10.93
N TRP B 199 4.08 -6.39 -10.99
CA TRP B 199 2.66 -6.15 -10.84
C TRP B 199 1.87 -6.91 -11.88
N LYS B 200 2.32 -6.88 -13.13
CA LYS B 200 1.59 -7.55 -14.19
C LYS B 200 1.54 -9.06 -13.94
N GLN B 201 2.66 -9.64 -13.47
CA GLN B 201 2.70 -11.07 -13.17
C GLN B 201 1.85 -11.43 -11.96
N HIS B 202 1.87 -10.61 -10.91
CA HIS B 202 1.02 -10.92 -9.75
C HIS B 202 -0.45 -10.74 -10.08
N HIS B 203 -0.77 -9.75 -10.94
CA HIS B 203 -2.16 -9.58 -11.39
C HIS B 203 -2.62 -10.77 -12.21
N LEU B 204 -1.70 -11.36 -12.97
CA LEU B 204 -2.00 -12.57 -13.73
C LEU B 204 -2.31 -13.74 -12.80
N ILE B 205 -1.43 -13.97 -11.82
CA ILE B 205 -1.65 -15.06 -10.87
C ILE B 205 -3.00 -14.89 -10.19
N MET B 206 -3.31 -13.66 -9.80
CA MET B 206 -4.61 -13.36 -9.23
C MET B 206 -5.74 -13.77 -10.18
N VAL B 207 -5.65 -13.39 -11.45
CA VAL B 207 -6.72 -13.68 -12.40
C VAL B 207 -6.86 -15.19 -12.60
N TRP B 208 -5.74 -15.92 -12.67
CA TRP B 208 -5.85 -17.36 -12.77
C TRP B 208 -6.59 -17.94 -11.58
N SER B 209 -6.38 -17.37 -10.39
CA SER B 209 -7.04 -17.88 -9.20
C SER B 209 -8.49 -17.44 -9.09
N GLN B 210 -8.95 -16.49 -9.90
CA GLN B 210 -10.33 -16.03 -9.84
C GLN B 210 -11.17 -16.40 -11.06
N LEU B 211 -10.60 -16.44 -12.24
CA LEU B 211 -11.32 -16.75 -13.46
C LEU B 211 -10.79 -17.99 -14.17
N GLY B 212 -9.79 -18.67 -13.60
CA GLY B 212 -9.17 -19.80 -14.27
C GLY B 212 -8.15 -19.36 -15.31
N GLY B 213 -7.78 -20.33 -16.16
CA GLY B 213 -6.87 -20.07 -17.25
C GLY B 213 -5.40 -20.28 -16.95
N GLN B 214 -5.07 -20.85 -15.80
CA GLN B 214 -3.67 -21.07 -15.46
C GLN B 214 -3.01 -21.90 -16.56
N PRO B 215 -1.92 -21.42 -17.16
CA PRO B 215 -1.42 -22.02 -18.42
C PRO B 215 -0.72 -23.34 -18.22
N GLY B 216 -0.33 -23.70 -17.00
CA GLY B 216 0.25 -25.00 -16.77
C GLY B 216 -0.71 -26.15 -17.02
N LEU B 217 -2.02 -25.87 -17.00
CA LEU B 217 -2.99 -26.94 -17.22
C LEU B 217 -3.00 -27.40 -18.67
N ARG B 218 -2.71 -26.50 -19.60
CA ARG B 218 -2.74 -26.81 -21.04
C ARG B 218 -1.64 -27.79 -21.44
N ARG B 237 -13.45 -12.26 -19.78
CA ARG B 237 -12.34 -13.20 -19.60
C ARG B 237 -11.52 -13.36 -20.89
N SER B 238 -10.82 -12.29 -21.29
CA SER B 238 -9.96 -12.31 -22.49
C SER B 238 -8.51 -12.53 -22.08
N LEU B 239 -8.26 -13.76 -21.59
CA LEU B 239 -7.01 -14.07 -20.91
C LEU B 239 -5.81 -14.05 -21.85
N ALA B 240 -6.03 -14.35 -23.14
CA ALA B 240 -4.90 -14.47 -24.07
C ALA B 240 -4.24 -13.11 -24.30
N THR B 241 -5.05 -12.07 -24.55
CA THR B 241 -4.48 -10.74 -24.67
C THR B 241 -3.84 -10.29 -23.37
N LEU B 242 -4.45 -10.64 -22.22
CA LEU B 242 -3.88 -10.28 -20.91
C LEU B 242 -2.49 -10.88 -20.72
N GLU B 243 -2.32 -12.18 -20.99
CA GLU B 243 -1.02 -12.82 -20.85
C GLU B 243 0.03 -12.18 -21.76
N ALA B 244 -0.37 -11.75 -22.97
CA ALA B 244 0.58 -11.09 -23.87
C ALA B 244 0.93 -9.70 -23.38
N ARG B 245 -0.07 -8.90 -23.01
CA ARG B 245 0.19 -7.56 -22.48
C ARG B 245 1.02 -7.62 -21.20
N SER B 246 0.94 -8.71 -20.45
CA SER B 246 1.66 -8.82 -19.18
C SER B 246 3.17 -8.88 -19.35
N GLN B 247 3.72 -8.91 -20.57
CA GLN B 247 5.16 -8.86 -20.71
C GLN B 247 5.64 -7.60 -21.46
N LEU B 248 4.76 -6.65 -21.73
CA LEU B 248 5.16 -5.36 -22.24
C LEU B 248 5.82 -4.52 -21.15
N ALA B 249 7.10 -4.20 -21.34
CA ALA B 249 7.85 -3.41 -20.38
C ALA B 249 7.52 -1.92 -20.52
N LEU B 250 7.80 -1.17 -19.43
CA LEU B 250 7.75 0.29 -19.48
C LEU B 250 8.85 0.84 -20.37
N PHE B 251 10.07 0.30 -20.25
CA PHE B 251 11.25 0.78 -20.95
C PHE B 251 11.87 -0.33 -21.78
N PRO B 252 11.22 -0.74 -22.88
CA PRO B 252 11.75 -1.90 -23.65
C PRO B 252 13.19 -1.73 -24.08
N GLU B 253 13.65 -0.49 -24.27
CA GLU B 253 15.02 -0.28 -24.70
C GLU B 253 16.03 -0.73 -23.65
N LEU B 254 15.67 -0.67 -22.36
CA LEU B 254 16.57 -1.19 -21.32
C LEU B 254 16.72 -2.69 -21.43
N TRP B 255 15.63 -3.39 -21.75
CA TRP B 255 15.68 -4.84 -21.86
C TRP B 255 16.39 -5.26 -23.13
N ARG B 256 16.18 -4.52 -24.23
CA ARG B 256 16.96 -4.74 -25.45
C ARG B 256 18.45 -4.60 -25.16
N ALA B 257 18.83 -3.57 -24.39
CA ALA B 257 20.24 -3.36 -24.05
C ALA B 257 20.80 -4.51 -23.22
N ALA B 258 19.98 -5.04 -22.30
CA ALA B 258 20.38 -6.24 -21.58
C ALA B 258 20.66 -7.38 -22.55
N GLU B 259 19.83 -7.52 -23.58
CA GLU B 259 20.03 -8.59 -24.56
C GLU B 259 21.28 -8.33 -25.39
N ASP B 260 21.49 -7.08 -25.82
CA ASP B 260 22.73 -6.69 -26.47
C ASP B 260 23.95 -7.11 -25.68
N ALA B 261 23.98 -6.75 -24.39
CA ALA B 261 25.15 -7.07 -23.57
C ALA B 261 25.44 -8.56 -23.56
N TYR B 262 24.41 -9.39 -23.42
CA TYR B 262 24.59 -10.84 -23.51
C TYR B 262 25.29 -11.25 -24.81
N TRP B 263 24.80 -10.74 -25.94
CA TRP B 263 25.40 -11.13 -27.23
C TRP B 263 26.78 -10.53 -27.41
N LEU B 264 27.01 -9.30 -26.96
CA LEU B 264 28.33 -8.68 -27.12
C LEU B 264 29.38 -9.22 -26.15
N LEU B 265 29.00 -9.57 -24.92
CA LEU B 265 30.01 -9.91 -23.92
C LEU B 265 30.05 -11.38 -23.54
N GLY B 266 29.04 -12.19 -23.92
CA GLY B 266 28.96 -13.55 -23.44
C GLY B 266 29.80 -14.56 -24.26
N THR B 267 29.92 -15.77 -23.70
CA THR B 267 30.69 -16.86 -24.31
C THR B 267 29.96 -18.21 -24.17
CHA HEM C . 1.50 11.09 15.67
CHB HEM C . -0.25 9.03 11.63
CHC HEM C . 3.43 10.81 9.04
CHD HEM C . 5.04 13.16 13.05
C1A HEM C . 0.76 10.33 14.80
C2A HEM C . -0.33 9.44 15.16
C3A HEM C . -0.79 8.89 14.03
C4A HEM C . -0.03 9.40 12.94
CMA HEM C . -1.94 7.88 13.87
CAA HEM C . -0.87 9.14 16.57
CBA HEM C . 0.13 8.13 17.13
CGA HEM C . -0.33 7.53 18.43
O1A HEM C . 0.26 6.49 18.89
O2A HEM C . -1.28 8.11 19.00
C1B HEM C . 0.61 9.30 10.59
C2B HEM C . 0.46 8.80 9.25
C3B HEM C . 1.46 9.26 8.52
C4B HEM C . 2.30 10.10 9.37
CMB HEM C . -0.63 7.88 8.67
CAB HEM C . 1.53 8.86 7.02
CBB HEM C . 2.66 8.86 6.35
C1C HEM C . 4.14 11.65 9.88
C2C HEM C . 5.24 12.50 9.50
C3C HEM C . 5.70 13.13 10.59
C4C HEM C . 4.89 12.72 11.74
CMC HEM C . 5.86 12.68 8.09
CAC HEM C . 6.87 14.11 10.49
CBC HEM C . 7.36 14.73 11.55
C1D HEM C . 4.25 12.80 14.14
C2D HEM C . 4.41 13.17 15.53
C3D HEM C . 3.44 12.61 16.24
C4D HEM C . 2.62 11.85 15.33
CMD HEM C . 5.53 14.07 16.12
CAD HEM C . 3.23 12.72 17.78
CBD HEM C . 2.07 13.68 18.13
CGD HEM C . 2.20 15.00 17.39
O1D HEM C . 3.23 15.70 17.59
O2D HEM C . 1.29 15.38 16.60
NA HEM C . 0.93 10.29 13.42
NB HEM C . 1.75 10.08 10.64
NC HEM C . 3.95 11.81 11.27
ND HEM C . 3.14 11.99 14.07
FE HEM C . 2.66 10.85 12.42
OXT 78U D . 3.48 17.14 14.31
OXT 78U D . 3.34 17.11 14.63
C 78U D . 3.87 17.14 13.10
C 78U D . 3.77 16.98 13.45
O 78U D . 5.05 17.49 12.83
O 78U D . 4.80 17.61 13.09
CA 78U D . 2.93 16.77 11.95
CA 78U D . 3.03 16.04 12.48
N 78U D . 3.64 16.97 10.69
N 78U D . 1.73 15.75 13.06
CB 78U D . 2.41 15.33 12.05
CB 78U D . 2.90 16.68 11.08
CAG 78U D . 1.63 15.00 13.33
CAG 78U D . 4.19 16.51 10.28
CG 78U D . 1.44 15.15 10.89
CG 78U D . 1.77 16.09 10.25
CD2 78U D . 0.62 15.70 9.95
CD2 78U D . 0.65 16.22 9.48
CE3 78U D . 0.33 17.03 9.60
CE3 78U D . -0.09 17.36 9.10
CZ3 78U D . -0.55 17.31 8.58
CZ3 78U D . -1.22 17.21 8.29
CH2 78U D . -1.15 16.28 7.88
CH2 78U D . -1.62 15.96 7.88
CZ2 78U D . -0.85 14.97 8.21
CZ2 78U D . -0.88 14.84 8.26
CE2 78U D . 0.06 14.67 9.26
CE2 78U D . 0.25 14.98 9.07
NE1 78U D . 0.53 13.47 9.80
NE1 78U D . 1.15 14.07 9.58
CD1 78U D . 1.37 13.77 10.81
CD1 78U D . 2.08 14.74 10.29
CHA HEM E . -7.14 -5.97 -16.87
CHB HEM E . -6.16 -3.30 -12.94
CHC HEM E . -8.30 -6.62 -10.14
CHD HEM E . -9.54 -9.16 -14.12
C1A HEM E . -6.61 -4.98 -16.06
C2A HEM E . -5.73 -3.91 -16.45
C3A HEM E . -5.46 -3.19 -15.36
C4A HEM E . -6.17 -3.77 -14.24
CMA HEM E . -4.57 -1.94 -15.29
CAA HEM E . -5.12 -3.65 -17.84
CBA HEM E . -3.97 -4.66 -17.86
CGA HEM E . -3.05 -4.75 -19.07
O1A HEM E . -3.33 -4.12 -20.12
O2A HEM E . -2.02 -5.49 -18.97
C1B HEM E . -6.61 -3.96 -11.82
C2B HEM E . -6.43 -3.55 -10.44
C3B HEM E . -7.02 -4.48 -9.67
C4B HEM E . -7.58 -5.50 -10.54
CMB HEM E . -5.70 -2.25 -10.00
CAB HEM E . -7.14 -4.57 -8.12
CBB HEM E . -6.35 -3.89 -7.29
C1C HEM E . -8.87 -7.56 -10.99
C2C HEM E . -9.70 -8.66 -10.55
C3C HEM E . -10.04 -9.35 -11.67
C4C HEM E . -9.42 -8.73 -12.82
CMC HEM E . -10.09 -8.90 -9.07
CAC HEM E . -10.91 -10.62 -11.84
CBC HEM E . -11.22 -11.41 -10.81
C1D HEM E . -8.98 -8.53 -15.23
C2D HEM E . -9.04 -8.99 -16.62
C3D HEM E . -8.39 -8.10 -17.37
C4D HEM E . -7.89 -7.06 -16.48
CMD HEM E . -9.76 -10.29 -17.07
CAD HEM E . -8.11 -8.09 -18.90
CBD HEM E . -9.36 -8.21 -19.76
CGD HEM E . -10.32 -7.14 -19.34
O1D HEM E . -9.89 -5.96 -19.42
O2D HEM E . -11.47 -7.46 -18.95
NA HEM E . -6.85 -4.87 -14.72
NB HEM E . -7.32 -5.15 -11.83
NC HEM E . -8.72 -7.63 -12.36
ND HEM E . -8.28 -7.35 -15.20
FE HEM E . -7.52 -6.43 -13.46
OXT 78U F . -12.98 -8.54 -16.62
C 78U F . -13.28 -8.66 -15.40
O 78U F . -13.59 -9.80 -14.95
CA 78U F . -13.31 -7.45 -14.42
N 78U F . -13.78 -7.90 -13.11
CB 78U F . -11.95 -6.75 -14.28
CAG 78U F . -11.38 -6.20 -15.59
CG 78U F . -12.10 -5.55 -13.34
CD2 78U F . -12.86 -4.60 -12.71
CE3 78U F . -14.24 -4.35 -12.68
CZ3 78U F . -14.76 -3.31 -11.92
CH2 78U F . -13.92 -2.50 -11.20
CZ2 78U F . -12.57 -2.75 -11.23
CE2 78U F . -12.02 -3.81 -11.99
NE1 78U F . -10.73 -4.26 -12.17
CD1 78U F . -10.77 -5.33 -13.02
#